data_4YFW
#
_entry.id   4YFW
#
_cell.length_a   36.530
_cell.length_b   71.940
_cell.length_c   58.050
_cell.angle_alpha   90.00
_cell.angle_beta   90.02
_cell.angle_gamma   90.00
#
_symmetry.space_group_name_H-M   'P 1 21 1'
#
loop_
_entity.id
_entity.type
_entity.pdbx_description
1 polymer 'Outer capsid protein VP4'
2 water water
#
_entity_poly.entity_id   1
_entity_poly.type   'polypeptide(L)'
_entity_poly.pdbx_seq_one_letter_code
;GSALDGPYTPDSSNLPSNYWYLINPLNDGVVFSVTNNSTFWMFTYLILPNTAQTNVTVNVMNETVNISIDNSGSTYRFVD
YFKTSSTQSYRQRNYLITEHRLQAYRRDESGNISNYWGSSTYGDLRVGTYFNPVLNAVINLNADFYIIPDSQQEKCTEYI
KGGL
;
_entity_poly.pdbx_strand_id   A,B
#
# COMPACT_ATOMS: atom_id res chain seq x y z
N LEU A 4 -6.60 -1.79 10.15
CA LEU A 4 -7.13 -2.69 11.15
C LEU A 4 -6.75 -4.17 10.93
N ASP A 5 -7.51 -4.87 10.09
CA ASP A 5 -7.15 -6.24 9.69
C ASP A 5 -6.49 -6.21 8.32
N GLY A 6 -5.22 -6.58 8.26
CA GLY A 6 -4.47 -6.51 7.03
C GLY A 6 -3.08 -6.04 7.35
N PRO A 7 -2.32 -5.61 6.33
CA PRO A 7 -2.70 -5.45 4.93
C PRO A 7 -2.77 -6.77 4.19
N TYR A 8 -3.62 -6.82 3.16
CA TYR A 8 -3.75 -7.98 2.28
C TYR A 8 -3.34 -7.55 0.88
N THR A 9 -2.76 -8.48 0.12
CA THR A 9 -2.31 -8.19 -1.24
C THR A 9 -3.52 -8.11 -2.17
N PRO A 10 -3.37 -7.48 -3.35
CA PRO A 10 -4.49 -7.40 -4.29
C PRO A 10 -5.12 -8.76 -4.58
N ASP A 11 -6.43 -8.77 -4.72
CA ASP A 11 -7.14 -10.03 -4.92
C ASP A 11 -8.52 -9.81 -5.51
N SER A 12 -9.01 -10.83 -6.19
CA SER A 12 -10.34 -10.84 -6.78
C SER A 12 -11.12 -11.98 -6.15
N SER A 13 -12.29 -11.70 -5.59
CA SER A 13 -13.13 -12.79 -5.11
C SER A 13 -14.52 -12.30 -4.78
N ASN A 14 -15.41 -13.24 -4.50
CA ASN A 14 -16.78 -12.90 -4.11
C ASN A 14 -16.80 -12.49 -2.64
N LEU A 15 -16.41 -11.25 -2.39
CA LEU A 15 -16.23 -10.71 -1.04
C LEU A 15 -17.50 -10.76 -0.21
N PRO A 16 -17.36 -11.10 1.08
CA PRO A 16 -18.50 -11.09 2.01
C PRO A 16 -19.08 -9.71 2.21
N SER A 17 -20.39 -9.68 2.49
CA SER A 17 -21.12 -8.45 2.73
C SER A 17 -20.81 -7.92 4.11
N ASN A 18 -21.14 -6.63 4.29
CA ASN A 18 -21.06 -5.95 5.57
C ASN A 18 -19.62 -5.80 6.05
N TYR A 19 -18.69 -5.78 5.11
CA TYR A 19 -17.31 -5.43 5.43
C TYR A 19 -16.84 -4.28 4.58
N TRP A 20 -16.07 -3.39 5.18
CA TRP A 20 -15.41 -2.34 4.42
C TRP A 20 -14.03 -2.80 3.96
N TYR A 21 -13.78 -2.69 2.67
CA TYR A 21 -12.47 -3.03 2.17
C TYR A 21 -11.73 -1.73 1.85
N LEU A 22 -10.78 -1.40 2.73
CA LEU A 22 -10.07 -0.14 2.66
C LEU A 22 -8.83 -0.30 1.81
N ILE A 23 -8.91 0.19 0.58
CA ILE A 23 -7.84 -0.03 -0.39
C ILE A 23 -6.80 1.06 -0.25
N ASN A 24 -5.54 0.65 -0.38
CA ASN A 24 -4.37 1.51 -0.28
C ASN A 24 -3.45 1.20 -1.48
N PRO A 25 -3.81 1.71 -2.67
CA PRO A 25 -3.21 1.34 -3.96
C PRO A 25 -1.76 1.76 -4.16
N LEU A 26 -0.91 0.80 -4.50
CA LEU A 26 0.46 1.10 -4.88
C LEU A 26 0.48 1.83 -6.22
N ASN A 27 -0.46 1.50 -7.09
CA ASN A 27 -0.49 2.11 -8.42
C ASN A 27 -1.75 2.93 -8.67
N ASP A 28 -1.64 3.92 -9.54
CA ASP A 28 -2.78 4.70 -10.02
C ASP A 28 -3.55 3.86 -11.03
N GLY A 29 -4.56 4.45 -11.63
CA GLY A 29 -5.36 3.71 -12.60
C GLY A 29 -6.47 2.92 -11.96
N VAL A 30 -6.89 1.83 -12.60
CA VAL A 30 -7.98 1.05 -12.06
C VAL A 30 -7.57 0.37 -10.76
N VAL A 31 -8.31 0.66 -9.70
CA VAL A 31 -8.04 0.08 -8.39
C VAL A 31 -9.19 -0.79 -7.87
N PHE A 32 -10.37 -0.67 -8.48
CA PHE A 32 -11.57 -1.41 -8.06
C PHE A 32 -12.44 -1.68 -9.26
N SER A 33 -13.08 -2.84 -9.31
CA SER A 33 -14.05 -3.12 -10.38
C SER A 33 -14.97 -4.29 -10.03
N VAL A 34 -16.17 -4.25 -10.58
CA VAL A 34 -17.13 -5.31 -10.40
C VAL A 34 -18.18 -5.23 -11.51
N THR A 35 -18.72 -6.37 -11.90
CA THR A 35 -19.87 -6.39 -12.80
C THR A 35 -20.69 -7.65 -12.63
N ASN A 36 -21.99 -7.55 -12.93
CA ASN A 36 -22.80 -8.74 -13.08
C ASN A 36 -23.03 -9.08 -14.55
N ASN A 37 -22.34 -8.36 -15.44
CA ASN A 37 -22.40 -8.61 -16.89
C ASN A 37 -23.82 -8.47 -17.46
N SER A 38 -24.67 -7.76 -16.74
CA SER A 38 -26.05 -7.60 -17.14
C SER A 38 -26.55 -6.16 -17.01
N THR A 39 -26.51 -5.65 -15.79
CA THR A 39 -27.12 -4.36 -15.48
C THR A 39 -26.22 -3.40 -14.73
N PHE A 40 -24.99 -3.82 -14.43
CA PHE A 40 -24.06 -2.92 -13.74
C PHE A 40 -22.62 -3.29 -14.04
N TRP A 41 -21.87 -2.29 -14.49
CA TRP A 41 -20.41 -2.36 -14.59
C TRP A 41 -19.87 -1.17 -13.83
N MET A 42 -18.97 -1.37 -12.88
CA MET A 42 -18.40 -0.26 -12.14
C MET A 42 -16.88 -0.40 -11.99
N PHE A 43 -16.14 0.68 -12.22
CA PHE A 43 -14.76 0.69 -11.75
C PHE A 43 -14.38 2.06 -11.19
N THR A 44 -13.31 2.09 -10.39
CA THR A 44 -12.77 3.32 -9.85
C THR A 44 -11.37 3.49 -10.38
N TYR A 45 -11.10 4.68 -10.89
CA TYR A 45 -9.79 5.04 -11.42
C TYR A 45 -9.12 6.04 -10.49
N LEU A 46 -7.90 5.73 -10.05
CA LEU A 46 -7.15 6.64 -9.20
C LEU A 46 -6.28 7.60 -10.02
N ILE A 47 -6.58 8.89 -9.90
CA ILE A 47 -5.82 9.91 -10.61
C ILE A 47 -4.84 10.60 -9.66
N LEU A 48 -3.56 10.58 -10.01
CA LEU A 48 -2.55 11.22 -9.18
C LEU A 48 -2.69 12.74 -9.23
N PRO A 49 -2.10 13.43 -8.24
CA PRO A 49 -2.04 14.90 -8.26
C PRO A 49 -1.31 15.45 -9.50
N ASN A 50 -1.66 16.66 -9.92
CA ASN A 50 -1.00 17.33 -11.05
C ASN A 50 -1.06 16.55 -12.35
N THR A 51 -2.25 16.06 -12.67
CA THR A 51 -2.48 15.35 -13.92
C THR A 51 -3.22 16.26 -14.88
N ALA A 52 -2.55 16.65 -15.96
CA ALA A 52 -3.21 17.45 -16.98
C ALA A 52 -4.27 16.60 -17.65
N GLN A 53 -5.18 17.24 -18.38
CA GLN A 53 -6.26 16.50 -19.01
C GLN A 53 -5.70 15.54 -20.05
N THR A 54 -6.04 14.26 -19.87
CA THR A 54 -5.53 13.19 -20.72
C THR A 54 -6.64 12.19 -21.04
N ASN A 55 -6.70 11.77 -22.29
CA ASN A 55 -7.56 10.65 -22.66
C ASN A 55 -6.77 9.35 -22.54
N VAL A 56 -7.30 8.40 -21.80
CA VAL A 56 -6.54 7.18 -21.52
C VAL A 56 -7.35 5.94 -21.84
N THR A 57 -6.64 4.90 -22.27
CA THR A 57 -7.23 3.63 -22.63
C THR A 57 -6.85 2.59 -21.59
N VAL A 58 -7.85 2.01 -20.94
CA VAL A 58 -7.64 0.95 -19.96
C VAL A 58 -8.42 -0.28 -20.32
N ASN A 59 -7.97 -1.42 -19.81
CA ASN A 59 -8.65 -2.69 -20.00
C ASN A 59 -9.25 -3.07 -18.66
N VAL A 60 -10.57 -3.20 -18.60
CA VAL A 60 -11.23 -3.56 -17.35
C VAL A 60 -12.34 -4.55 -17.62
N MET A 61 -12.30 -5.66 -16.90
CA MET A 61 -13.31 -6.70 -17.00
C MET A 61 -13.61 -7.07 -18.45
N ASN A 62 -12.54 -7.35 -19.19
CA ASN A 62 -12.60 -7.91 -20.55
C ASN A 62 -13.10 -6.93 -21.62
N GLU A 63 -13.05 -5.64 -21.31
CA GLU A 63 -13.43 -4.60 -22.26
C GLU A 63 -12.35 -3.55 -22.35
N THR A 64 -12.17 -2.98 -23.53
CA THR A 64 -11.29 -1.85 -23.72
C THR A 64 -12.12 -0.58 -23.54
N VAL A 65 -11.65 0.31 -22.68
CA VAL A 65 -12.38 1.51 -22.30
C VAL A 65 -11.56 2.78 -22.52
N ASN A 66 -12.15 3.80 -23.12
CA ASN A 66 -11.49 5.10 -23.22
C ASN A 66 -12.13 6.12 -22.32
N ILE A 67 -11.35 6.72 -21.42
CA ILE A 67 -11.86 7.77 -20.54
C ILE A 67 -10.93 8.96 -20.53
N SER A 68 -11.46 10.13 -20.21
CA SER A 68 -10.62 11.30 -19.98
C SER A 68 -10.41 11.48 -18.48
N ILE A 69 -9.18 11.76 -18.08
CA ILE A 69 -8.89 11.96 -16.68
C ILE A 69 -8.31 13.34 -16.51
N ASP A 70 -8.65 13.98 -15.40
CA ASP A 70 -8.10 15.28 -15.07
C ASP A 70 -8.05 15.43 -13.57
N ASN A 71 -6.93 15.96 -13.07
CA ASN A 71 -6.78 16.25 -11.66
C ASN A 71 -6.23 17.67 -11.46
N SER A 72 -4.93 17.82 -11.66
CA SER A 72 -4.27 19.13 -11.60
C SER A 72 -4.22 19.72 -10.19
N GLY A 73 -4.89 19.05 -9.24
CA GLY A 73 -4.82 19.37 -7.83
C GLY A 73 -3.62 18.80 -7.10
N SER A 74 -3.43 19.24 -5.85
CA SER A 74 -2.39 18.67 -5.03
C SER A 74 -2.81 17.33 -4.47
N THR A 75 -4.11 17.03 -4.56
CA THR A 75 -4.68 15.85 -3.94
C THR A 75 -4.98 14.72 -4.93
N TYR A 76 -5.17 13.52 -4.39
CA TYR A 76 -5.60 12.39 -5.20
C TYR A 76 -7.07 12.51 -5.58
N ARG A 77 -7.45 11.87 -6.68
CA ARG A 77 -8.85 11.75 -7.01
C ARG A 77 -9.16 10.32 -7.37
N PHE A 78 -10.11 9.76 -6.62
CA PHE A 78 -10.66 8.44 -6.90
C PHE A 78 -11.94 8.69 -7.64
N VAL A 79 -11.98 8.36 -8.93
CA VAL A 79 -13.17 8.66 -9.73
C VAL A 79 -13.90 7.38 -10.16
N ASP A 80 -15.18 7.31 -9.81
CA ASP A 80 -16.03 6.18 -10.18
C ASP A 80 -16.58 6.31 -11.60
N TYR A 81 -16.63 5.17 -12.29
CA TYR A 81 -17.24 5.08 -13.61
C TYR A 81 -18.26 3.95 -13.61
N PHE A 82 -19.41 4.14 -14.25
CA PHE A 82 -20.32 3.00 -14.40
C PHE A 82 -21.15 3.05 -15.67
N LYS A 83 -21.60 1.87 -16.07
CA LYS A 83 -22.57 1.72 -17.13
C LYS A 83 -23.55 0.60 -16.75
N THR A 84 -24.71 0.55 -17.41
CA THR A 84 -25.80 -0.34 -16.99
C THR A 84 -26.29 -1.26 -18.09
N SER A 85 -25.63 -1.18 -19.23
CA SER A 85 -25.86 -2.15 -20.29
C SER A 85 -24.57 -2.39 -21.07
N SER A 86 -24.50 -3.56 -21.70
CA SER A 86 -23.28 -4.03 -22.33
C SER A 86 -22.79 -3.07 -23.42
N THR A 87 -23.70 -2.65 -24.29
CA THR A 87 -23.31 -1.83 -25.44
C THR A 87 -23.06 -0.37 -25.06
N GLN A 88 -23.39 -0.01 -23.83
CA GLN A 88 -23.09 1.33 -23.35
C GLN A 88 -21.60 1.56 -23.11
N SER A 89 -21.20 2.83 -23.20
CA SER A 89 -19.91 3.28 -22.70
C SER A 89 -20.02 3.68 -21.22
N TYR A 90 -18.91 3.52 -20.50
CA TYR A 90 -18.82 3.97 -19.12
C TYR A 90 -18.94 5.50 -19.05
N ARG A 91 -19.60 6.00 -18.01
CA ARG A 91 -19.65 7.43 -17.76
C ARG A 91 -19.11 7.71 -16.36
N GLN A 92 -18.48 8.86 -16.18
CA GLN A 92 -18.00 9.27 -14.86
C GLN A 92 -19.16 9.52 -13.92
N ARG A 93 -18.98 9.17 -12.65
CA ARG A 93 -20.03 9.41 -11.66
C ARG A 93 -19.44 10.18 -10.48
N ASN A 94 -19.58 9.62 -9.29
CA ASN A 94 -19.09 10.29 -8.09
C ASN A 94 -17.59 10.12 -7.91
N TYR A 95 -17.02 10.91 -7.03
CA TYR A 95 -15.59 10.83 -6.82
C TYR A 95 -15.17 11.26 -5.43
N LEU A 96 -13.93 10.90 -5.09
CA LEU A 96 -13.32 11.21 -3.81
C LEU A 96 -12.05 12.02 -4.01
N ILE A 97 -12.03 13.24 -3.48
CA ILE A 97 -10.83 14.07 -3.50
C ILE A 97 -10.17 13.95 -2.14
N THR A 98 -8.91 13.51 -2.10
CA THR A 98 -8.31 13.20 -0.80
C THR A 98 -6.79 13.30 -0.81
N GLU A 99 -6.21 13.68 0.32
CA GLU A 99 -4.74 13.75 0.40
C GLU A 99 -4.14 12.37 0.69
N HIS A 100 -4.97 11.37 0.89
CA HIS A 100 -4.48 10.02 1.16
C HIS A 100 -4.85 9.00 0.07
N ARG A 101 -3.98 8.00 -0.06
CA ARG A 101 -4.21 6.90 -0.98
C ARG A 101 -5.15 5.89 -0.37
N LEU A 102 -6.36 6.35 -0.02
CA LEU A 102 -7.36 5.51 0.60
C LEU A 102 -8.76 5.74 0.05
N GLN A 103 -9.42 4.63 -0.31
CA GLN A 103 -10.84 4.61 -0.62
C GLN A 103 -11.33 3.28 -0.03
N ALA A 104 -12.62 3.16 0.22
CA ALA A 104 -13.11 1.90 0.78
C ALA A 104 -14.46 1.54 0.18
N TYR A 105 -14.69 0.24 0.08
CA TYR A 105 -15.88 -0.35 -0.54
C TYR A 105 -16.58 -1.35 0.37
N ARG A 106 -17.90 -1.35 0.31
CA ARG A 106 -18.72 -2.27 1.08
C ARG A 106 -19.84 -2.75 0.19
N ARG A 107 -20.14 -4.05 0.26
CA ARG A 107 -21.32 -4.60 -0.41
C ARG A 107 -22.31 -5.01 0.67
N ASP A 108 -23.56 -4.58 0.53
CA ASP A 108 -24.57 -4.97 1.50
C ASP A 108 -25.22 -6.29 1.09
N GLU A 109 -26.11 -6.77 1.95
CA GLU A 109 -26.73 -8.07 1.77
C GLU A 109 -27.60 -8.13 0.51
N SER A 110 -27.99 -6.96 0.00
CA SER A 110 -28.72 -6.85 -1.26
C SER A 110 -27.81 -6.80 -2.50
N GLY A 111 -26.51 -6.65 -2.30
CA GLY A 111 -25.58 -6.56 -3.41
C GLY A 111 -25.22 -5.16 -3.88
N ASN A 112 -25.65 -4.13 -3.14
CA ASN A 112 -25.29 -2.73 -3.46
C ASN A 112 -23.90 -2.34 -2.99
N ILE A 113 -23.14 -1.72 -3.88
CA ILE A 113 -21.81 -1.22 -3.56
C ILE A 113 -21.91 0.16 -2.97
N SER A 114 -21.25 0.34 -1.83
CA SER A 114 -21.05 1.65 -1.25
C SER A 114 -19.57 1.99 -1.26
N ASN A 115 -19.29 3.29 -1.34
CA ASN A 115 -17.93 3.79 -1.18
C ASN A 115 -18.00 5.23 -0.74
N TYR A 116 -16.85 5.86 -0.51
CA TYR A 116 -16.86 7.23 -0.01
C TYR A 116 -16.86 8.26 -1.14
N TRP A 117 -17.73 9.26 -1.02
CA TRP A 117 -17.82 10.35 -1.99
C TRP A 117 -17.53 11.66 -1.30
N GLY A 118 -17.05 12.64 -2.04
CA GLY A 118 -16.79 13.95 -1.48
C GLY A 118 -15.31 14.16 -1.33
N SER A 119 -14.87 14.55 -0.15
CA SER A 119 -13.46 14.83 0.02
C SER A 119 -12.99 14.67 1.46
N SER A 120 -11.67 14.51 1.61
CA SER A 120 -11.07 14.62 2.94
C SER A 120 -10.81 16.07 3.26
N THR A 121 -10.69 16.88 2.23
CA THR A 121 -10.28 18.26 2.39
C THR A 121 -11.38 19.25 2.75
N TYR A 122 -12.59 19.02 2.24
CA TYR A 122 -13.58 20.12 2.21
C TYR A 122 -14.72 20.01 3.21
N GLY A 123 -14.73 18.95 4.00
CA GLY A 123 -15.74 18.80 5.04
C GLY A 123 -17.05 18.25 4.53
N ASP A 124 -17.00 17.57 3.38
CA ASP A 124 -18.20 17.07 2.69
C ASP A 124 -18.17 15.56 2.40
N LEU A 125 -17.54 14.81 3.28
CA LEU A 125 -17.38 13.38 3.10
C LEU A 125 -18.71 12.68 3.36
N ARG A 126 -19.07 11.76 2.48
CA ARG A 126 -20.33 11.03 2.52
C ARG A 126 -20.05 9.55 2.25
N VAL A 127 -20.78 8.66 2.91
CA VAL A 127 -20.88 7.28 2.44
C VAL A 127 -21.96 7.24 1.35
N GLY A 128 -21.55 7.03 0.11
CA GLY A 128 -22.50 6.88 -0.99
C GLY A 128 -22.80 5.43 -1.27
N THR A 129 -23.88 5.20 -2.02
CA THR A 129 -24.25 3.85 -2.45
C THR A 129 -24.72 3.90 -3.90
N TYR A 130 -24.29 2.94 -4.71
CA TYR A 130 -24.87 2.77 -6.03
C TYR A 130 -25.93 1.70 -5.93
N PHE A 131 -27.18 2.09 -6.10
CA PHE A 131 -28.27 1.15 -5.89
C PHE A 131 -28.52 0.33 -7.13
N ASN A 132 -27.54 -0.55 -7.36
CA ASN A 132 -27.43 -1.40 -8.53
C ASN A 132 -26.85 -2.74 -8.13
N PRO A 133 -27.71 -3.67 -7.70
CA PRO A 133 -27.23 -4.91 -7.08
C PRO A 133 -26.32 -5.77 -7.97
N VAL A 134 -25.20 -6.17 -7.37
CA VAL A 134 -24.25 -7.11 -7.94
C VAL A 134 -23.90 -8.18 -6.90
N LEU A 135 -24.91 -8.74 -6.25
CA LEU A 135 -24.67 -9.77 -5.25
C LEU A 135 -24.03 -10.98 -5.90
N ASN A 136 -23.03 -11.53 -5.19
CA ASN A 136 -22.26 -12.74 -5.56
C ASN A 136 -21.34 -12.55 -6.76
N ALA A 137 -21.28 -11.34 -7.27
CA ALA A 137 -20.28 -11.02 -8.29
C ALA A 137 -18.89 -10.96 -7.68
N VAL A 138 -17.89 -11.33 -8.47
CA VAL A 138 -16.51 -11.20 -8.05
C VAL A 138 -16.15 -9.72 -8.02
N ILE A 139 -15.56 -9.30 -6.90
CA ILE A 139 -15.04 -7.95 -6.80
C ILE A 139 -13.53 -7.99 -6.99
N ASN A 140 -13.05 -7.13 -7.87
CA ASN A 140 -11.62 -7.00 -8.15
C ASN A 140 -11.02 -5.85 -7.38
N LEU A 141 -10.22 -6.18 -6.37
CA LEU A 141 -9.46 -5.17 -5.63
C LEU A 141 -8.04 -5.11 -6.16
N ASN A 142 -7.77 -4.13 -7.02
CA ASN A 142 -6.47 -4.00 -7.67
C ASN A 142 -5.60 -3.14 -6.81
N ALA A 143 -5.53 -3.51 -5.55
CA ALA A 143 -4.81 -2.74 -4.56
C ALA A 143 -4.63 -3.53 -3.28
N ASP A 144 -3.57 -3.23 -2.55
CA ASP A 144 -3.45 -3.73 -1.20
C ASP A 144 -4.61 -3.18 -0.38
N PHE A 145 -5.05 -3.93 0.63
CA PHE A 145 -6.23 -3.48 1.38
C PHE A 145 -6.32 -4.00 2.81
N TYR A 146 -7.11 -3.28 3.61
CA TYR A 146 -7.49 -3.69 4.95
C TYR A 146 -8.98 -4.01 5.01
N ILE A 147 -9.41 -4.71 6.05
CA ILE A 147 -10.82 -5.08 6.17
C ILE A 147 -11.39 -4.59 7.49
N ILE A 148 -12.46 -3.81 7.44
CA ILE A 148 -13.08 -3.28 8.64
C ILE A 148 -14.57 -3.62 8.66
N PRO A 149 -15.05 -4.28 9.73
CA PRO A 149 -16.47 -4.65 9.78
C PRO A 149 -17.38 -3.43 9.83
N ASP A 150 -18.60 -3.61 9.34
CA ASP A 150 -19.62 -2.58 9.30
C ASP A 150 -19.88 -1.93 10.65
N SER A 151 -19.74 -2.72 11.71
CA SER A 151 -19.91 -2.25 13.07
C SER A 151 -18.91 -1.17 13.44
N GLN A 152 -17.80 -1.13 12.70
CA GLN A 152 -16.75 -0.15 12.95
C GLN A 152 -16.69 0.83 11.80
N GLN A 153 -17.83 1.07 11.16
CA GLN A 153 -17.90 1.94 10.01
C GLN A 153 -17.31 3.31 10.32
N GLU A 154 -17.54 3.78 11.54
CA GLU A 154 -17.05 5.09 11.99
C GLU A 154 -15.52 5.16 11.93
N LYS A 155 -14.86 4.05 12.27
CA LYS A 155 -13.40 3.98 12.17
C LYS A 155 -12.94 4.08 10.71
N CYS A 156 -13.67 3.43 9.81
CA CYS A 156 -13.29 3.47 8.40
C CYS A 156 -13.29 4.92 7.93
N THR A 157 -14.34 5.66 8.32
CA THR A 157 -14.48 7.04 7.92
C THR A 157 -13.29 7.84 8.40
N GLU A 158 -12.83 7.55 9.61
CA GLU A 158 -11.66 8.23 10.19
C GLU A 158 -10.38 7.99 9.40
N TYR A 159 -10.19 6.78 8.88
CA TYR A 159 -9.03 6.54 8.01
C TYR A 159 -9.14 7.25 6.69
N ILE A 160 -10.33 7.23 6.09
CA ILE A 160 -10.56 7.90 4.81
C ILE A 160 -10.24 9.39 4.93
N LYS A 161 -10.74 9.99 6.00
CA LYS A 161 -10.57 11.42 6.26
C LYS A 161 -9.15 11.78 6.73
N GLY A 162 -8.56 10.88 7.51
CA GLY A 162 -7.29 11.15 8.18
C GLY A 162 -6.04 10.37 7.80
N GLY A 163 -6.18 9.32 7.00
CA GLY A 163 -5.06 8.47 6.63
C GLY A 163 -4.77 7.34 7.61
N LEU A 164 -3.88 6.44 7.24
CA LEU A 164 -3.51 5.33 8.14
C LEU A 164 -2.73 5.88 9.33
N LEU B 4 27.40 -4.97 -5.38
CA LEU B 4 27.75 -4.05 -6.46
C LEU B 4 28.78 -3.04 -5.95
N ASP B 5 28.32 -2.00 -5.27
CA ASP B 5 29.23 -1.10 -4.57
C ASP B 5 29.13 -1.38 -3.07
N GLY B 6 30.24 -1.81 -2.47
CA GLY B 6 30.26 -2.17 -1.07
C GLY B 6 31.10 -3.42 -0.82
N PRO B 7 30.94 -4.05 0.36
CA PRO B 7 29.97 -3.71 1.41
C PRO B 7 30.42 -2.54 2.27
N TYR B 8 29.45 -1.84 2.83
CA TYR B 8 29.70 -0.74 3.74
C TYR B 8 29.16 -1.11 5.14
N THR B 9 29.82 -0.60 6.18
CA THR B 9 29.39 -0.90 7.55
C THR B 9 28.11 -0.12 7.91
N PRO B 10 27.39 -0.57 8.95
CA PRO B 10 26.17 0.13 9.36
C PRO B 10 26.40 1.63 9.53
N ASP B 11 25.39 2.42 9.18
CA ASP B 11 25.51 3.88 9.24
C ASP B 11 24.15 4.57 9.24
N SER B 12 24.15 5.78 9.77
CA SER B 12 22.99 6.65 9.78
C SER B 12 23.35 7.94 9.08
N SER B 13 22.55 8.34 8.09
CA SER B 13 22.73 9.64 7.45
C SER B 13 21.59 9.99 6.51
N ASN B 14 21.62 11.21 6.00
CA ASN B 14 20.66 11.66 5.01
C ASN B 14 20.98 11.12 3.61
N LEU B 15 20.62 9.86 3.36
CA LEU B 15 20.98 9.18 2.12
C LEU B 15 20.42 9.85 0.86
N PRO B 16 21.24 9.92 -0.19
CA PRO B 16 20.80 10.43 -1.48
C PRO B 16 19.69 9.57 -2.10
N SER B 17 18.85 10.23 -2.87
CA SER B 17 17.73 9.62 -3.57
C SER B 17 18.18 8.86 -4.81
N ASN B 18 17.28 7.99 -5.27
CA ASN B 18 17.43 7.23 -6.50
C ASN B 18 18.58 6.19 -6.41
N TYR B 19 18.89 5.78 -5.18
CA TYR B 19 19.80 4.67 -4.92
C TYR B 19 19.16 3.57 -4.07
N TRP B 20 19.47 2.32 -4.41
CA TRP B 20 19.05 1.16 -3.61
C TRP B 20 20.10 0.80 -2.57
N TYR B 21 19.70 0.75 -1.31
CA TYR B 21 20.62 0.35 -0.25
C TYR B 21 20.27 -1.08 0.14
N LEU B 22 21.10 -2.00 -0.33
CA LEU B 22 20.85 -3.43 -0.18
C LEU B 22 21.49 -3.88 1.12
N ILE B 23 20.66 -4.07 2.15
CA ILE B 23 21.16 -4.38 3.48
C ILE B 23 21.36 -5.89 3.64
N ASN B 24 22.44 -6.23 4.32
CA ASN B 24 22.79 -7.62 4.57
C ASN B 24 23.12 -7.81 6.06
N PRO B 25 22.06 -7.86 6.89
CA PRO B 25 22.19 -7.76 8.36
C PRO B 25 22.92 -8.90 9.02
N LEU B 26 23.92 -8.55 9.82
CA LEU B 26 24.59 -9.50 10.69
C LEU B 26 23.65 -9.95 11.82
N ASN B 27 22.82 -9.05 12.32
CA ASN B 27 21.91 -9.34 13.44
C ASN B 27 20.44 -9.23 13.06
N ASP B 28 19.58 -10.00 13.74
CA ASP B 28 18.14 -9.87 13.56
C ASP B 28 17.68 -8.64 14.33
N GLY B 29 16.37 -8.41 14.38
CA GLY B 29 15.83 -7.25 15.07
C GLY B 29 15.76 -6.07 14.16
N VAL B 30 15.86 -4.87 14.73
CA VAL B 30 15.75 -3.67 13.93
C VAL B 30 16.93 -3.52 12.98
N VAL B 31 16.63 -3.45 11.69
CA VAL B 31 17.67 -3.32 10.69
C VAL B 31 17.61 -2.03 9.85
N PHE B 32 16.48 -1.34 9.90
CA PHE B 32 16.21 -0.12 9.16
C PHE B 32 15.21 0.72 9.94
N SER B 33 15.37 2.04 9.89
CA SER B 33 14.40 2.94 10.53
C SER B 33 14.54 4.34 9.97
N VAL B 34 13.44 5.09 10.02
CA VAL B 34 13.45 6.50 9.63
C VAL B 34 12.20 7.18 10.22
N THR B 35 12.32 8.47 10.54
CA THR B 35 11.13 9.25 10.92
C THR B 35 11.31 10.71 10.60
N ASN B 36 10.20 11.40 10.35
CA ASN B 36 10.26 12.86 10.27
C ASN B 36 9.74 13.50 11.56
N ASN B 37 9.47 12.65 12.55
CA ASN B 37 9.01 13.05 13.89
C ASN B 37 7.71 13.84 13.83
N SER B 38 6.96 13.65 12.74
CA SER B 38 5.70 14.37 12.58
C SER B 38 4.59 13.47 12.01
N THR B 39 4.83 12.87 10.85
CA THR B 39 3.77 12.14 10.15
C THR B 39 4.12 10.72 9.71
N PHE B 40 5.37 10.30 9.92
CA PHE B 40 5.78 8.93 9.55
C PHE B 40 6.92 8.45 10.42
N TRP B 41 6.72 7.29 11.04
CA TRP B 41 7.76 6.54 11.73
C TRP B 41 7.77 5.15 11.12
N MET B 42 8.92 4.69 10.65
CA MET B 42 9.01 3.37 10.04
C MET B 42 10.25 2.61 10.52
N PHE B 43 10.09 1.32 10.87
CA PHE B 43 11.26 0.47 11.01
C PHE B 43 10.97 -0.93 10.45
N THR B 44 12.04 -1.66 10.15
CA THR B 44 11.94 -3.03 9.66
C THR B 44 12.63 -3.94 10.67
N TYR B 45 11.93 -4.99 11.07
CA TYR B 45 12.43 -5.95 12.04
C TYR B 45 12.67 -7.27 11.34
N LEU B 46 13.89 -7.78 11.45
CA LEU B 46 14.21 -9.07 10.85
C LEU B 46 13.95 -10.20 11.82
N ILE B 47 13.02 -11.07 11.45
CA ILE B 47 12.67 -12.24 12.25
C ILE B 47 13.35 -13.50 11.74
N LEU B 48 14.08 -14.20 12.59
CA LEU B 48 14.78 -15.43 12.16
C LEU B 48 13.79 -16.53 11.85
N PRO B 49 14.22 -17.53 11.06
CA PRO B 49 13.37 -18.71 10.84
C PRO B 49 13.05 -19.43 12.15
N ASN B 50 11.93 -20.15 12.19
CA ASN B 50 11.54 -20.97 13.33
C ASN B 50 11.39 -20.19 14.63
N THR B 51 10.74 -19.03 14.55
CA THR B 51 10.46 -18.21 15.72
C THR B 51 9.01 -18.30 16.15
N ALA B 52 8.79 -18.90 17.32
CA ALA B 52 7.45 -18.97 17.90
C ALA B 52 6.96 -17.57 18.26
N GLN B 53 5.67 -17.45 18.53
CA GLN B 53 5.06 -16.17 18.84
C GLN B 53 5.68 -15.55 20.08
N THR B 54 6.21 -14.34 19.93
CA THR B 54 6.87 -13.67 21.03
C THR B 54 6.52 -12.18 21.04
N ASN B 55 6.24 -11.67 22.23
CA ASN B 55 6.14 -10.23 22.39
C ASN B 55 7.53 -9.77 22.77
N VAL B 56 8.04 -8.79 22.04
CA VAL B 56 9.40 -8.33 22.27
C VAL B 56 9.40 -6.82 22.41
N THR B 57 10.32 -6.34 23.24
CA THR B 57 10.45 -4.92 23.47
C THR B 57 11.72 -4.43 22.80
N VAL B 58 11.59 -3.49 21.87
CA VAL B 58 12.75 -2.95 21.18
C VAL B 58 12.82 -1.45 21.37
N ASN B 59 14.01 -0.92 21.19
CA ASN B 59 14.21 0.52 21.23
C ASN B 59 14.55 1.03 19.84
N VAL B 60 13.69 1.91 19.30
CA VAL B 60 13.92 2.44 17.97
C VAL B 60 13.56 3.93 17.93
N MET B 61 14.51 4.75 17.47
CA MET B 61 14.32 6.19 17.33
C MET B 61 13.77 6.86 18.59
N ASN B 62 14.47 6.63 19.69
CA ASN B 62 14.23 7.30 20.97
C ASN B 62 12.94 6.87 21.64
N GLU B 63 12.42 5.71 21.24
CA GLU B 63 11.21 5.19 21.84
C GLU B 63 11.36 3.73 22.26
N THR B 64 10.70 3.36 23.35
CA THR B 64 10.55 1.96 23.71
C THR B 64 9.23 1.49 23.09
N VAL B 65 9.31 0.44 22.28
CA VAL B 65 8.14 -0.04 21.57
C VAL B 65 7.93 -1.54 21.81
N ASN B 66 6.68 -1.94 21.98
CA ASN B 66 6.32 -3.34 22.10
C ASN B 66 5.63 -3.89 20.85
N ILE B 67 6.21 -4.94 20.26
CA ILE B 67 5.60 -5.58 19.09
C ILE B 67 5.55 -7.10 19.23
N SER B 68 4.63 -7.73 18.53
CA SER B 68 4.62 -9.19 18.46
C SER B 68 5.32 -9.67 17.19
N ILE B 69 6.16 -10.69 17.33
CA ILE B 69 6.87 -11.27 16.18
C ILE B 69 6.59 -12.77 16.03
N ASP B 70 6.47 -13.22 14.80
CA ASP B 70 6.29 -14.64 14.53
C ASP B 70 6.82 -15.02 13.15
N ASN B 71 7.52 -16.15 13.08
CA ASN B 71 7.94 -16.69 11.80
C ASN B 71 7.61 -18.19 11.74
N SER B 72 8.51 -18.97 12.30
CA SER B 72 8.38 -20.43 12.43
C SER B 72 8.45 -21.15 11.06
N GLY B 73 8.53 -20.39 9.97
CA GLY B 73 8.86 -20.95 8.67
C GLY B 73 10.38 -21.12 8.61
N SER B 74 10.88 -21.80 7.59
CA SER B 74 12.32 -21.99 7.40
C SER B 74 13.05 -20.76 6.83
N THR B 75 12.29 -19.78 6.36
CA THR B 75 12.89 -18.61 5.71
C THR B 75 12.90 -17.43 6.65
N TYR B 76 13.67 -16.41 6.31
CA TYR B 76 13.67 -15.15 7.05
C TYR B 76 12.41 -14.35 6.77
N ARG B 77 12.04 -13.49 7.71
CA ARG B 77 10.99 -12.52 7.45
C ARG B 77 11.44 -11.13 7.89
N PHE B 78 11.43 -10.20 6.93
CA PHE B 78 11.72 -8.79 7.16
C PHE B 78 10.36 -8.10 7.30
N VAL B 79 9.99 -7.64 8.50
CA VAL B 79 8.64 -7.09 8.72
C VAL B 79 8.67 -5.59 8.95
N ASP B 80 7.93 -4.85 8.13
CA ASP B 80 7.83 -3.39 8.29
C ASP B 80 6.80 -2.99 9.32
N TYR B 81 7.14 -1.95 10.09
CA TYR B 81 6.21 -1.36 11.05
C TYR B 81 6.16 0.13 10.81
N PHE B 82 4.99 0.73 10.92
CA PHE B 82 4.92 2.18 10.88
C PHE B 82 3.80 2.77 11.72
N LYS B 83 3.98 4.03 12.08
CA LYS B 83 2.92 4.83 12.68
C LYS B 83 2.99 6.23 12.07
N THR B 84 1.93 7.00 12.22
CA THR B 84 1.83 8.28 11.54
C THR B 84 1.61 9.44 12.49
N SER B 85 1.57 9.14 13.78
CA SER B 85 1.61 10.22 14.77
C SER B 85 2.35 9.76 16.02
N SER B 86 2.86 10.75 16.76
CA SER B 86 3.75 10.49 17.88
C SER B 86 3.09 9.58 18.92
N THR B 87 1.84 9.92 19.26
CA THR B 87 1.08 9.24 20.30
C THR B 87 0.52 7.88 19.89
N GLN B 88 0.57 7.58 18.60
CA GLN B 88 0.19 6.27 18.12
C GLN B 88 1.21 5.19 18.46
N SER B 89 0.73 3.95 18.50
CA SER B 89 1.57 2.78 18.56
C SER B 89 1.91 2.28 17.15
N TYR B 90 3.09 1.67 16.98
CA TYR B 90 3.46 1.06 15.70
C TYR B 90 2.56 -0.12 15.32
N ARG B 91 2.25 -0.23 14.03
CA ARG B 91 1.51 -1.40 13.54
C ARG B 91 2.29 -2.09 12.41
N GLN B 92 2.19 -3.41 12.34
CA GLN B 92 2.83 -4.17 11.29
C GLN B 92 2.20 -3.85 9.94
N ARG B 93 3.03 -3.80 8.90
CA ARG B 93 2.55 -3.47 7.56
C ARG B 93 3.00 -4.54 6.57
N ASN B 94 3.71 -4.16 5.53
CA ASN B 94 4.16 -5.14 4.54
C ASN B 94 5.42 -5.89 4.98
N TYR B 95 5.72 -6.98 4.29
CA TYR B 95 6.86 -7.78 4.67
C TYR B 95 7.46 -8.53 3.52
N LEU B 96 8.68 -9.02 3.76
CA LEU B 96 9.43 -9.83 2.81
C LEU B 96 9.77 -11.18 3.43
N ILE B 97 9.29 -12.24 2.80
CA ILE B 97 9.67 -13.60 3.19
C ILE B 97 10.79 -14.06 2.27
N THR B 98 11.92 -14.47 2.83
CA THR B 98 13.05 -14.75 1.94
C THR B 98 14.08 -15.73 2.48
N GLU B 99 14.70 -16.52 1.60
CA GLU B 99 15.75 -17.43 2.06
C GLU B 99 17.08 -16.68 2.23
N HIS B 100 17.09 -15.40 1.90
CA HIS B 100 18.31 -14.60 2.01
C HIS B 100 18.22 -13.46 3.03
N ARG B 101 19.35 -13.14 3.63
CA ARG B 101 19.42 -12.02 4.55
C ARG B 101 19.57 -10.76 3.74
N LEU B 102 18.60 -10.49 2.86
CA LEU B 102 18.66 -9.30 2.03
C LEU B 102 17.31 -8.58 1.92
N GLN B 103 17.37 -7.28 2.14
CA GLN B 103 16.26 -6.40 1.88
C GLN B 103 16.90 -5.12 1.31
N ALA B 104 16.12 -4.28 0.64
CA ALA B 104 16.71 -3.08 0.07
C ALA B 104 15.76 -1.90 0.15
N TYR B 105 16.34 -0.72 0.30
CA TYR B 105 15.59 0.54 0.48
C TYR B 105 16.05 1.62 -0.50
N ARG B 106 15.08 2.40 -0.96
CA ARG B 106 15.30 3.50 -1.89
C ARG B 106 14.43 4.66 -1.47
N ARG B 107 14.97 5.87 -1.48
CA ARG B 107 14.14 7.04 -1.27
C ARG B 107 14.10 7.80 -2.60
N ASP B 108 12.91 8.18 -3.06
CA ASP B 108 12.81 8.95 -4.30
C ASP B 108 12.92 10.45 -4.00
N GLU B 109 12.91 11.27 -5.04
CA GLU B 109 13.13 12.70 -4.86
C GLU B 109 12.00 13.38 -4.10
N SER B 110 10.85 12.71 -4.02
CA SER B 110 9.74 13.23 -3.22
C SER B 110 9.86 12.82 -1.74
N GLY B 111 10.79 11.93 -1.44
CA GLY B 111 10.98 11.48 -0.08
C GLY B 111 10.26 10.20 0.32
N ASN B 112 9.64 9.50 -0.64
CA ASN B 112 8.97 8.23 -0.35
C ASN B 112 9.93 7.04 -0.24
N ILE B 113 9.78 6.27 0.81
CA ILE B 113 10.57 5.05 0.98
C ILE B 113 9.94 3.90 0.20
N SER B 114 10.75 3.22 -0.60
CA SER B 114 10.37 1.97 -1.25
C SER B 114 11.22 0.86 -0.70
N ASN B 115 10.67 -0.35 -0.70
CA ASN B 115 11.39 -1.57 -0.39
C ASN B 115 10.72 -2.79 -1.02
N TYR B 116 11.30 -3.98 -0.85
CA TYR B 116 10.74 -5.15 -1.49
C TYR B 116 9.70 -5.81 -0.58
N TRP B 117 8.54 -6.13 -1.15
CA TRP B 117 7.45 -6.81 -0.44
C TRP B 117 7.13 -8.14 -1.14
N GLY B 118 6.67 -9.12 -0.37
CA GLY B 118 6.32 -10.40 -0.95
C GLY B 118 7.32 -11.46 -0.54
N SER B 119 7.87 -12.18 -1.51
CA SER B 119 8.79 -13.26 -1.17
C SER B 119 9.75 -13.60 -2.28
N SER B 120 10.86 -14.24 -1.91
CA SER B 120 11.76 -14.86 -2.87
C SER B 120 11.28 -16.26 -3.22
N THR B 121 10.47 -16.82 -2.34
CA THR B 121 10.01 -18.20 -2.51
C THR B 121 8.77 -18.40 -3.42
N TYR B 122 7.82 -17.47 -3.39
CA TYR B 122 6.48 -17.81 -3.91
C TYR B 122 6.12 -17.16 -5.25
N GLY B 123 7.00 -16.36 -5.82
CA GLY B 123 6.77 -15.79 -7.15
C GLY B 123 5.94 -14.52 -7.14
N ASP B 124 5.94 -13.85 -6.00
CA ASP B 124 5.10 -12.67 -5.80
C ASP B 124 5.89 -11.45 -5.30
N LEU B 125 7.13 -11.35 -5.76
CA LEU B 125 8.00 -10.27 -5.34
C LEU B 125 7.58 -8.95 -6.01
N ARG B 126 7.54 -7.90 -5.19
CA ARG B 126 7.08 -6.58 -5.61
C ARG B 126 8.01 -5.50 -5.07
N VAL B 127 8.23 -4.45 -5.85
CA VAL B 127 8.81 -3.20 -5.32
C VAL B 127 7.63 -2.44 -4.74
N GLY B 128 7.60 -2.31 -3.41
CA GLY B 128 6.57 -1.53 -2.74
C GLY B 128 7.02 -0.12 -2.44
N THR B 129 6.07 0.76 -2.15
CA THR B 129 6.38 2.14 -1.75
C THR B 129 5.45 2.54 -0.66
N TYR B 130 5.99 3.21 0.36
CA TYR B 130 5.16 3.84 1.36
C TYR B 130 5.02 5.33 1.01
N PHE B 131 3.83 5.75 0.59
CA PHE B 131 3.70 7.14 0.11
C PHE B 131 3.48 8.11 1.30
N ASN B 132 4.58 8.28 2.03
CA ASN B 132 4.62 9.05 3.25
C ASN B 132 5.97 9.76 3.28
N PRO B 133 6.05 10.94 2.66
CA PRO B 133 7.34 11.57 2.39
C PRO B 133 8.14 11.90 3.63
N VAL B 134 9.42 11.51 3.61
CA VAL B 134 10.39 11.83 4.65
C VAL B 134 11.69 12.36 4.01
N LEU B 135 11.58 13.31 3.09
CA LEU B 135 12.77 13.83 2.44
C LEU B 135 13.70 14.51 3.45
N ASN B 136 14.99 14.23 3.30
CA ASN B 136 16.06 14.79 4.13
C ASN B 136 16.08 14.30 5.58
N ALA B 137 15.19 13.36 5.91
CA ALA B 137 15.25 12.69 7.19
C ALA B 137 16.45 11.78 7.21
N VAL B 138 17.09 11.65 8.37
CA VAL B 138 18.21 10.72 8.50
C VAL B 138 17.66 9.31 8.46
N ILE B 139 18.27 8.48 7.63
CA ILE B 139 17.91 7.06 7.58
C ILE B 139 18.93 6.22 8.33
N ASN B 140 18.44 5.36 9.21
CA ASN B 140 19.30 4.46 9.96
C ASN B 140 19.38 3.08 9.33
N LEU B 141 20.52 2.76 8.75
CA LEU B 141 20.75 1.42 8.21
C LEU B 141 21.53 0.65 9.26
N ASN B 142 20.82 -0.20 10.00
CA ASN B 142 21.40 -0.95 11.11
C ASN B 142 21.92 -2.27 10.57
N ALA B 143 22.69 -2.19 9.50
CA ALA B 143 23.21 -3.39 8.81
C ALA B 143 24.28 -3.01 7.81
N ASP B 144 25.19 -3.95 7.54
CA ASP B 144 26.11 -3.82 6.42
C ASP B 144 25.26 -3.71 5.17
N PHE B 145 25.74 -2.98 4.16
CA PHE B 145 24.91 -2.75 2.99
C PHE B 145 25.71 -2.52 1.71
N TYR B 146 25.05 -2.78 0.59
CA TYR B 146 25.61 -2.46 -0.71
C TYR B 146 24.78 -1.32 -1.31
N ILE B 147 25.31 -0.66 -2.33
CA ILE B 147 24.62 0.45 -2.97
C ILE B 147 24.47 0.16 -4.45
N ILE B 148 23.24 0.20 -4.95
CA ILE B 148 22.92 -0.05 -6.36
C ILE B 148 22.07 1.06 -6.92
N PRO B 149 22.50 1.69 -8.03
CA PRO B 149 21.71 2.80 -8.56
C PRO B 149 20.34 2.38 -9.11
N ASP B 150 19.39 3.33 -9.10
CA ASP B 150 18.07 3.13 -9.67
C ASP B 150 18.09 2.65 -11.11
N SER B 151 19.11 3.05 -11.86
CA SER B 151 19.29 2.63 -13.25
C SER B 151 19.49 1.12 -13.34
N GLN B 152 19.93 0.53 -12.23
CA GLN B 152 20.19 -0.89 -12.17
C GLN B 152 19.22 -1.57 -11.22
N GLN B 153 18.01 -1.02 -11.12
CA GLN B 153 17.01 -1.54 -10.20
C GLN B 153 16.76 -3.04 -10.41
N GLU B 154 16.78 -3.47 -11.68
CA GLU B 154 16.57 -4.88 -11.99
C GLU B 154 17.66 -5.78 -11.42
N LYS B 155 18.90 -5.29 -11.38
CA LYS B 155 19.99 -6.06 -10.75
C LYS B 155 19.70 -6.23 -9.26
N CYS B 156 19.20 -5.17 -8.62
CA CYS B 156 18.88 -5.24 -7.20
C CYS B 156 17.84 -6.34 -7.00
N THR B 157 16.83 -6.37 -7.86
CA THR B 157 15.76 -7.34 -7.75
C THR B 157 16.32 -8.77 -7.83
N GLU B 158 17.28 -8.97 -8.72
CA GLU B 158 17.92 -10.28 -8.84
C GLU B 158 18.62 -10.68 -7.54
N TYR B 159 19.23 -9.72 -6.84
CA TYR B 159 19.83 -10.04 -5.54
C TYR B 159 18.80 -10.38 -4.50
N ILE B 160 17.72 -9.60 -4.44
CA ILE B 160 16.66 -9.87 -3.48
C ILE B 160 16.08 -11.26 -3.70
N LYS B 161 15.83 -11.59 -4.96
CA LYS B 161 15.24 -12.89 -5.33
C LYS B 161 16.23 -14.08 -5.23
N GLY B 162 17.50 -13.82 -5.55
CA GLY B 162 18.52 -14.86 -5.66
C GLY B 162 19.70 -14.88 -4.69
N GLY B 163 19.86 -13.84 -3.87
CA GLY B 163 20.98 -13.76 -2.95
C GLY B 163 22.24 -13.16 -3.58
N LEU B 164 23.24 -12.90 -2.74
CA LEU B 164 24.51 -12.35 -3.22
C LEU B 164 25.27 -13.36 -4.07
#